data_8SWL
#
_entry.id   8SWL
#
_cell.length_a   57.563
_cell.length_b   64.734
_cell.length_c   127.475
_cell.angle_alpha   90.000
_cell.angle_beta   90.000
_cell.angle_gamma   90.000
#
_symmetry.space_group_name_H-M   'P 2 21 21'
#
loop_
_entity.id
_entity.type
_entity.pdbx_description
1 polymer 'Cytochrome P450 105Q4 Cyp105Q4'
2 non-polymer 'PROTOPORPHYRIN IX CONTAINING FE'
3 non-polymer 'TRIETHYLENE GLYCOL'
4 water water
#
_entity_poly.entity_id   1
_entity_poly.type   'polypeptide(L)'
_entity_poly.pdbx_seq_one_letter_code
;MSDTLASPSPETASGIPDYPMSRSAGCPFAPPPGVMALAAAKPLTRVRIWDGSTPWLITGYEQVRELFSDSRVSVDDRLP
GFPHWNAGMLSTVHKRPRSVFTADGEEHTRFRRMLSKPFTFKRVEALRPTIQQITDEHIDAMLAGPQPADLVAKLALPVP
SLVISQLLGVPYEDAEMFQHHANVGLARYATGADTVKGAMSLHKYLAELVEAKMANPAEDAVSDLAERVKAGELSVKEAA
QLGTGLLIAGHETTANMIGLGVLALLVNPDQAGILRDAQDPKIVANAVEELLRYLSIIQNGQRRVAHEDIHIGGETIRAG
EGIIIDLAPANWDAHAFTEPDRLYLHRAGAERNVAFGYGRHQCVGQQLARAELQIVYRTLLQRIPTLTLATALEDVPFKD
DRLAYGVYELPVTW
;
_entity_poly.pdbx_strand_id   A
#
# COMPACT_ATOMS: atom_id res chain seq x y z
N ILE A 16 -18.80 2.21 25.02
CA ILE A 16 -17.66 2.42 24.13
C ILE A 16 -17.44 1.27 23.17
N PRO A 17 -17.52 1.57 21.89
CA PRO A 17 -17.53 0.53 20.87
C PRO A 17 -16.15 -0.08 20.67
N ASP A 18 -16.11 -1.10 19.83
CA ASP A 18 -14.91 -1.89 19.58
C ASP A 18 -14.39 -1.61 18.19
N TYR A 19 -13.07 -1.58 18.04
CA TYR A 19 -12.43 -1.32 16.77
C TYR A 19 -11.36 -2.38 16.54
N PRO A 20 -11.19 -2.84 15.29
CA PRO A 20 -11.97 -2.33 14.17
C PRO A 20 -13.27 -3.06 13.99
N MET A 21 -14.05 -2.62 13.01
CA MET A 21 -15.31 -3.26 12.67
C MET A 21 -15.20 -3.91 11.31
N SER A 22 -16.09 -4.86 11.06
CA SER A 22 -16.00 -5.68 9.86
C SER A 22 -16.82 -5.08 8.72
N ARG A 23 -16.37 -5.37 7.49
CA ARG A 23 -16.96 -4.88 6.26
C ARG A 23 -18.27 -5.64 6.00
N SER A 24 -19.06 -5.13 5.07
CA SER A 24 -20.37 -5.71 4.81
C SER A 24 -20.35 -6.58 3.56
N ALA A 25 -21.20 -7.60 3.55
CA ALA A 25 -21.53 -8.27 2.30
C ALA A 25 -22.53 -7.42 1.52
N GLY A 26 -22.37 -7.38 0.20
CA GLY A 26 -23.18 -6.51 -0.65
C GLY A 26 -22.62 -5.11 -0.78
N CYS A 27 -21.95 -4.61 0.24
CA CYS A 27 -21.10 -3.42 0.17
C CYS A 27 -19.72 -3.80 0.67
N PRO A 28 -19.00 -4.65 -0.07
CA PRO A 28 -17.72 -5.17 0.40
C PRO A 28 -16.50 -4.36 -0.02
N PHE A 29 -16.65 -3.42 -0.95
CA PHE A 29 -15.60 -2.44 -1.15
C PHE A 29 -15.62 -1.39 -0.06
N ALA A 30 -16.79 -1.17 0.51
CA ALA A 30 -17.04 -0.04 1.39
C ALA A 30 -16.30 -0.20 2.71
N PRO A 31 -15.96 0.92 3.34
CA PRO A 31 -15.48 0.87 4.72
C PRO A 31 -16.50 0.21 5.62
N PRO A 32 -16.06 -0.42 6.72
CA PRO A 32 -17.02 -1.11 7.61
C PRO A 32 -18.18 -0.21 7.97
N PRO A 33 -19.41 -0.65 7.79
CA PRO A 33 -20.54 0.27 8.03
C PRO A 33 -20.54 0.84 9.44
N GLY A 34 -20.21 0.02 10.42
CA GLY A 34 -20.15 0.52 11.78
C GLY A 34 -19.19 1.67 11.95
N VAL A 35 -18.09 1.64 11.22
CA VAL A 35 -17.15 2.76 11.28
C VAL A 35 -17.73 3.97 10.58
N MET A 36 -18.41 3.74 9.46
CA MET A 36 -18.95 4.86 8.68
C MET A 36 -20.08 5.58 9.40
N ALA A 37 -20.90 4.84 10.15
CA ALA A 37 -21.86 5.43 11.06
C ALA A 37 -21.16 6.37 12.03
N LEU A 38 -20.31 5.81 12.91
CA LEU A 38 -19.54 6.58 13.86
C LEU A 38 -19.03 7.87 13.24
N ALA A 39 -18.56 7.74 11.99
CA ALA A 39 -17.99 8.88 11.29
C ALA A 39 -19.06 9.84 10.83
N ALA A 40 -20.32 9.42 10.82
CA ALA A 40 -21.40 10.33 10.47
C ALA A 40 -21.70 11.26 11.63
N ALA A 41 -21.45 10.81 12.85
CA ALA A 41 -21.84 11.57 14.02
C ALA A 41 -20.82 12.64 14.35
N LYS A 42 -19.56 12.24 14.43
CA LYS A 42 -18.57 13.04 15.04
C LYS A 42 -17.29 12.78 14.27
N PRO A 43 -16.48 13.83 14.02
CA PRO A 43 -15.29 13.66 13.17
C PRO A 43 -14.25 12.77 13.82
N LEU A 44 -14.67 12.01 14.83
CA LEU A 44 -13.76 11.52 15.85
C LEU A 44 -14.56 10.85 16.95
N THR A 45 -14.24 9.62 17.29
CA THR A 45 -14.94 9.01 18.40
C THR A 45 -14.00 8.05 19.12
N ARG A 46 -14.34 7.77 20.39
CA ARG A 46 -13.54 6.94 21.27
C ARG A 46 -13.91 5.48 21.13
N VAL A 47 -12.90 4.63 20.96
CA VAL A 47 -13.08 3.22 20.62
C VAL A 47 -12.26 2.37 21.60
N ARG A 48 -12.57 1.08 21.65
CA ARG A 48 -11.84 0.09 22.44
C ARG A 48 -11.25 -0.95 21.50
N ILE A 49 -10.00 -1.34 21.74
CA ILE A 49 -9.32 -2.22 20.79
C ILE A 49 -8.96 -3.59 21.37
N TRP A 50 -7.99 -4.26 20.70
CA TRP A 50 -7.54 -5.61 21.01
C TRP A 50 -7.20 -5.74 22.49
N ASP A 51 -6.15 -5.02 22.93
CA ASP A 51 -5.72 -5.10 24.31
C ASP A 51 -6.82 -4.66 25.27
N GLY A 52 -7.69 -3.75 24.84
CA GLY A 52 -8.70 -3.21 25.73
C GLY A 52 -8.50 -1.76 26.09
N SER A 53 -7.41 -1.13 25.63
CA SER A 53 -7.26 0.31 25.77
C SER A 53 -8.22 1.03 24.85
N THR A 54 -8.43 2.33 25.12
CA THR A 54 -9.50 3.10 24.50
C THR A 54 -8.94 4.34 23.82
N PRO A 55 -8.38 4.20 22.63
CA PRO A 55 -7.82 5.34 21.91
C PRO A 55 -8.92 6.10 21.17
N TRP A 56 -8.47 7.12 20.43
CA TRP A 56 -9.33 8.10 19.76
C TRP A 56 -9.34 7.91 18.25
N LEU A 57 -10.40 7.29 17.73
CA LEU A 57 -10.51 7.03 16.29
C LEU A 57 -10.86 8.31 15.53
N ILE A 58 -9.94 8.80 14.72
CA ILE A 58 -10.17 10.00 13.91
C ILE A 58 -10.84 9.60 12.59
N THR A 59 -11.98 10.19 12.30
CA THR A 59 -12.72 9.78 11.10
C THR A 59 -12.88 10.89 10.09
N GLY A 60 -13.31 12.07 10.50
CA GLY A 60 -13.50 13.16 9.55
C GLY A 60 -12.22 13.49 8.82
N TYR A 61 -12.39 13.93 7.57
CA TYR A 61 -11.25 14.17 6.70
C TYR A 61 -10.40 15.29 7.23
N GLU A 62 -11.02 16.45 7.52
CA GLU A 62 -10.27 17.64 7.87
C GLU A 62 -9.39 17.39 9.10
N GLN A 63 -9.90 16.65 10.09
CA GLN A 63 -9.14 16.45 11.32
C GLN A 63 -8.12 15.33 11.18
N VAL A 64 -8.39 14.37 10.28
CA VAL A 64 -7.42 13.32 10.00
C VAL A 64 -6.15 13.91 9.40
N ARG A 65 -6.30 14.77 8.40
CA ARG A 65 -5.13 15.46 7.88
C ARG A 65 -4.42 16.24 8.97
N GLU A 66 -5.17 16.94 9.83
CA GLU A 66 -4.58 17.79 10.85
C GLU A 66 -3.67 16.98 11.78
N LEU A 67 -4.22 15.94 12.39
CA LEU A 67 -3.41 15.19 13.34
C LEU A 67 -2.18 14.61 12.68
N PHE A 68 -2.31 14.08 11.45
CA PHE A 68 -1.14 13.66 10.67
C PHE A 68 -0.10 14.77 10.58
N SER A 69 -0.55 16.01 10.45
CA SER A 69 0.41 17.10 10.29
C SER A 69 0.61 17.90 11.59
N ASP A 70 0.35 17.31 12.76
CA ASP A 70 0.41 18.04 14.02
C ASP A 70 1.51 17.49 14.94
N SER A 71 2.42 18.37 15.35
CA SER A 71 3.60 17.99 16.12
C SER A 71 3.24 17.51 17.52
N ARG A 72 2.14 17.97 18.08
CA ARG A 72 1.72 17.44 19.38
C ARG A 72 1.44 15.94 19.27
N VAL A 73 1.55 15.37 18.06
CA VAL A 73 1.19 13.99 17.73
C VAL A 73 2.40 13.29 17.11
N SER A 74 2.61 12.03 17.49
CA SER A 74 3.70 11.25 16.93
C SER A 74 3.43 9.77 17.22
N VAL A 75 4.28 8.92 16.69
CA VAL A 75 4.00 7.49 16.63
C VAL A 75 4.59 6.78 17.85
N ASP A 76 3.79 5.93 18.49
CA ASP A 76 4.22 5.13 19.63
C ASP A 76 4.00 3.67 19.32
N SER A 99 14.21 1.17 13.61
CA SER A 99 13.58 1.13 12.29
C SER A 99 12.74 2.40 12.05
N VAL A 100 12.59 2.79 10.76
CA VAL A 100 11.90 4.04 10.38
C VAL A 100 10.39 3.97 10.60
N PHE A 101 9.81 2.78 10.59
CA PHE A 101 8.40 2.62 10.92
C PHE A 101 8.08 3.30 12.26
N THR A 102 8.79 2.88 13.31
CA THR A 102 8.57 3.36 14.66
C THR A 102 9.36 4.63 14.98
N ALA A 103 10.56 4.80 14.39
CA ALA A 103 11.44 5.92 14.73
C ALA A 103 10.75 7.27 14.52
N ASP A 104 10.88 8.16 15.51
CA ASP A 104 10.29 9.48 15.40
C ASP A 104 11.17 10.49 16.14
N GLY A 105 10.83 11.75 15.94
CA GLY A 105 11.70 12.84 16.27
C GLY A 105 12.55 13.17 15.07
N GLU A 106 13.58 13.98 15.32
CA GLU A 106 14.71 14.04 14.40
C GLU A 106 15.23 12.65 14.07
N GLU A 107 15.01 11.68 14.96
CA GLU A 107 15.41 10.30 14.67
C GLU A 107 14.75 9.79 13.39
N HIS A 108 13.53 10.25 13.11
CA HIS A 108 12.82 9.89 11.89
C HIS A 108 13.40 10.63 10.69
N THR A 109 13.60 11.94 10.82
CA THR A 109 14.20 12.73 9.73
C THR A 109 15.52 12.12 9.28
N ARG A 110 16.34 11.68 10.24
CA ARG A 110 17.54 10.91 9.93
C ARG A 110 17.21 9.71 9.05
N PHE A 111 16.37 8.80 9.55
CA PHE A 111 16.01 7.58 8.81
C PHE A 111 15.41 7.91 7.46
N ARG A 112 14.56 8.93 7.39
CA ARG A 112 13.81 9.20 6.19
C ARG A 112 14.59 9.98 5.15
N ARG A 113 15.52 10.85 5.56
CA ARG A 113 16.43 11.48 4.59
C ARG A 113 17.21 10.42 3.84
N MET A 114 17.58 9.34 4.53
CA MET A 114 18.31 8.26 3.87
C MET A 114 17.50 7.67 2.75
N LEU A 115 16.17 7.74 2.85
CA LEU A 115 15.30 7.18 1.83
C LEU A 115 15.01 8.15 0.69
N SER A 116 15.47 9.40 0.76
CA SER A 116 15.13 10.36 -0.29
C SER A 116 15.77 9.97 -1.62
N LYS A 117 17.07 9.67 -1.63
CA LYS A 117 17.76 9.31 -2.87
C LYS A 117 17.14 8.11 -3.57
N PRO A 118 16.75 7.03 -2.89
CA PRO A 118 16.10 5.91 -3.59
C PRO A 118 14.79 6.28 -4.27
N PHE A 119 13.99 7.13 -3.67
CA PHE A 119 12.74 7.44 -4.33
C PHE A 119 12.69 8.88 -4.78
N THR A 120 13.74 9.39 -5.41
CA THR A 120 13.56 10.66 -6.10
C THR A 120 12.66 10.43 -7.30
N PHE A 121 12.47 11.51 -8.06
CA PHE A 121 11.62 11.44 -9.23
C PHE A 121 12.33 10.71 -10.35
N LYS A 122 13.47 11.24 -10.80
CA LYS A 122 14.28 10.55 -11.79
C LYS A 122 14.62 9.14 -11.33
N ARG A 123 14.74 8.92 -10.01
CA ARG A 123 15.03 7.57 -9.58
C ARG A 123 13.87 6.62 -9.87
N VAL A 124 12.64 7.11 -9.76
CA VAL A 124 11.45 6.29 -10.05
C VAL A 124 11.08 6.34 -11.51
N GLU A 125 11.02 7.54 -12.10
CA GLU A 125 10.93 7.68 -13.55
C GLU A 125 11.73 6.61 -14.29
N ALA A 126 13.00 6.46 -13.90
CA ALA A 126 13.89 5.50 -14.54
C ALA A 126 13.39 4.06 -14.44
N LEU A 127 12.46 3.79 -13.53
CA LEU A 127 11.94 2.43 -13.36
C LEU A 127 10.69 2.14 -14.17
N ARG A 128 9.98 3.17 -14.63
CA ARG A 128 8.84 2.92 -15.49
C ARG A 128 9.12 1.89 -16.57
N PRO A 129 10.19 1.98 -17.36
CA PRO A 129 10.47 0.90 -18.31
C PRO A 129 10.48 -0.51 -17.71
N THR A 130 11.27 -0.76 -16.67
CA THR A 130 11.34 -2.13 -16.17
C THR A 130 10.05 -2.54 -15.46
N ILE A 131 9.30 -1.58 -14.92
CA ILE A 131 7.93 -1.90 -14.47
C ILE A 131 7.09 -2.34 -15.66
N GLN A 132 7.28 -1.70 -16.81
CA GLN A 132 6.52 -2.04 -18.00
C GLN A 132 6.98 -3.37 -18.62
N GLN A 133 8.27 -3.68 -18.54
CA GLN A 133 8.73 -4.95 -19.06
C GLN A 133 8.25 -6.10 -18.19
N ILE A 134 8.27 -5.92 -16.88
CA ILE A 134 7.83 -7.01 -16.00
C ILE A 134 6.34 -7.25 -16.14
N THR A 135 5.54 -6.19 -16.19
CA THR A 135 4.11 -6.35 -16.45
C THR A 135 3.89 -7.09 -17.74
N ASP A 136 4.35 -6.50 -18.85
CA ASP A 136 4.19 -7.13 -20.15
C ASP A 136 4.58 -8.60 -20.09
N GLU A 137 5.75 -8.90 -19.50
CA GLU A 137 6.13 -10.29 -19.30
C GLU A 137 5.04 -11.09 -18.59
N HIS A 138 4.49 -10.55 -17.52
CA HIS A 138 3.60 -11.35 -16.68
C HIS A 138 2.24 -11.55 -17.34
N ILE A 139 1.73 -10.52 -18.00
CA ILE A 139 0.50 -10.65 -18.76
C ILE A 139 0.64 -11.74 -19.82
N ASP A 140 1.76 -11.73 -20.56
CA ASP A 140 2.02 -12.79 -21.54
C ASP A 140 1.88 -14.16 -20.92
N ALA A 141 2.73 -14.46 -19.94
CA ALA A 141 2.66 -15.77 -19.32
C ALA A 141 1.25 -16.09 -18.82
N MET A 142 0.45 -15.07 -18.53
CA MET A 142 -0.91 -15.34 -18.10
C MET A 142 -1.82 -15.70 -19.27
N LEU A 143 -1.60 -15.06 -20.42
CA LEU A 143 -2.34 -15.31 -21.63
C LEU A 143 -2.01 -16.68 -22.21
N ALA A 144 -0.75 -17.08 -22.07
CA ALA A 144 -0.27 -18.34 -22.61
C ALA A 144 -0.69 -19.55 -21.80
N GLY A 145 -1.24 -19.36 -20.60
CA GLY A 145 -1.65 -20.45 -19.76
C GLY A 145 -3.12 -20.77 -19.87
N PRO A 146 -3.59 -21.67 -19.02
CA PRO A 146 -4.99 -22.06 -19.05
C PRO A 146 -5.84 -20.95 -18.44
N GLN A 147 -7.15 -21.08 -18.65
CA GLN A 147 -8.10 -20.19 -18.00
C GLN A 147 -9.30 -21.02 -17.57
N PRO A 148 -9.96 -20.65 -16.46
CA PRO A 148 -9.75 -19.46 -15.64
C PRO A 148 -8.39 -19.39 -14.95
N ALA A 149 -7.83 -18.20 -14.88
CA ALA A 149 -6.55 -17.95 -14.24
C ALA A 149 -6.71 -17.02 -13.04
N ASP A 150 -5.93 -17.27 -12.00
CA ASP A 150 -5.95 -16.46 -10.79
C ASP A 150 -5.09 -15.23 -11.02
N LEU A 151 -5.73 -14.06 -11.15
CA LEU A 151 -4.96 -12.85 -11.40
C LEU A 151 -4.02 -12.54 -10.24
N VAL A 152 -4.44 -12.83 -9.00
CA VAL A 152 -3.57 -12.63 -7.84
C VAL A 152 -2.27 -13.38 -8.04
N ALA A 153 -2.38 -14.71 -8.19
CA ALA A 153 -1.22 -15.58 -8.33
C ALA A 153 -0.36 -15.17 -9.50
N LYS A 154 -0.96 -14.97 -10.68
CA LYS A 154 -0.14 -14.76 -11.87
C LYS A 154 0.24 -13.31 -12.11
N LEU A 155 -0.38 -12.35 -11.43
CA LEU A 155 0.04 -10.97 -11.65
C LEU A 155 0.15 -10.18 -10.36
N ALA A 156 -0.91 -10.15 -9.57
CA ALA A 156 -0.97 -9.19 -8.47
C ALA A 156 0.20 -9.39 -7.50
N LEU A 157 0.53 -10.64 -7.17
CA LEU A 157 1.59 -10.89 -6.21
C LEU A 157 2.96 -10.73 -6.85
N PRO A 158 3.23 -11.32 -8.01
CA PRO A 158 4.63 -11.31 -8.50
C PRO A 158 5.13 -9.94 -8.93
N VAL A 159 4.28 -9.07 -9.48
CA VAL A 159 4.81 -7.86 -10.09
C VAL A 159 5.38 -6.93 -9.02
N PRO A 160 4.71 -6.64 -7.90
CA PRO A 160 5.33 -5.74 -6.92
C PRO A 160 6.69 -6.22 -6.47
N SER A 161 6.79 -7.47 -6.00
CA SER A 161 8.05 -7.94 -5.43
C SER A 161 9.16 -7.94 -6.46
N LEU A 162 8.83 -8.16 -7.74
CA LEU A 162 9.86 -7.98 -8.76
C LEU A 162 10.26 -6.51 -8.88
N VAL A 163 9.29 -5.61 -8.78
CA VAL A 163 9.58 -4.19 -8.97
C VAL A 163 10.38 -3.64 -7.79
N ILE A 164 9.90 -3.89 -6.57
CA ILE A 164 10.67 -3.66 -5.36
C ILE A 164 12.09 -4.15 -5.55
N SER A 165 12.22 -5.37 -6.04
CA SER A 165 13.52 -5.98 -6.25
C SER A 165 14.39 -5.11 -7.16
N GLN A 166 13.91 -4.83 -8.38
CA GLN A 166 14.69 -4.00 -9.30
C GLN A 166 15.07 -2.68 -8.67
N LEU A 167 14.15 -2.09 -7.89
CA LEU A 167 14.49 -0.82 -7.25
C LEU A 167 15.63 -0.99 -6.26
N LEU A 168 15.60 -2.10 -5.49
CA LEU A 168 16.69 -2.39 -4.57
C LEU A 168 17.98 -2.64 -5.33
N GLY A 169 17.91 -3.46 -6.37
CA GLY A 169 19.06 -3.76 -7.20
C GLY A 169 19.53 -5.17 -7.12
N VAL A 170 18.73 -6.07 -6.56
CA VAL A 170 19.03 -7.50 -6.61
C VAL A 170 19.39 -7.89 -8.04
N PRO A 171 20.53 -8.55 -8.24
CA PRO A 171 20.95 -8.92 -9.60
C PRO A 171 19.91 -9.80 -10.28
N TYR A 172 20.01 -9.87 -11.61
CA TYR A 172 19.05 -10.68 -12.36
C TYR A 172 19.08 -12.13 -11.88
N GLU A 173 20.28 -12.68 -11.68
CA GLU A 173 20.52 -14.04 -11.16
C GLU A 173 19.62 -14.41 -9.97
N ASP A 174 19.25 -13.45 -9.14
CA ASP A 174 18.58 -13.74 -7.89
C ASP A 174 17.11 -13.35 -7.90
N ALA A 175 16.55 -13.04 -9.07
CA ALA A 175 15.14 -12.65 -9.18
C ALA A 175 14.24 -13.74 -8.60
N GLU A 176 14.29 -14.95 -9.16
CA GLU A 176 13.33 -15.98 -8.79
C GLU A 176 13.49 -16.42 -7.33
N MET A 177 14.73 -16.53 -6.86
CA MET A 177 14.92 -16.85 -5.45
C MET A 177 14.37 -15.75 -4.56
N PHE A 178 14.62 -14.49 -4.91
CA PHE A 178 14.06 -13.38 -4.15
C PHE A 178 12.54 -13.41 -4.17
N GLN A 179 11.96 -13.51 -5.37
CA GLN A 179 10.53 -13.79 -5.56
C GLN A 179 10.01 -14.86 -4.62
N HIS A 180 10.60 -16.05 -4.70
CA HIS A 180 10.17 -17.17 -3.88
C HIS A 180 10.11 -16.78 -2.40
N HIS A 181 11.24 -16.33 -1.85
CA HIS A 181 11.31 -15.98 -0.45
C HIS A 181 10.47 -14.76 -0.09
N ALA A 182 9.91 -14.05 -1.07
CA ALA A 182 8.95 -12.97 -0.80
C ALA A 182 7.52 -13.41 -0.94
N ASN A 183 7.23 -14.34 -1.85
CA ASN A 183 5.89 -14.85 -2.07
C ASN A 183 5.55 -16.03 -1.17
N VAL A 184 6.53 -16.57 -0.44
CA VAL A 184 6.22 -17.55 0.60
C VAL A 184 5.49 -16.90 1.74
N GLY A 185 5.83 -15.65 2.08
CA GLY A 185 5.16 -14.99 3.20
C GLY A 185 3.69 -14.78 2.98
N LEU A 186 3.32 -14.29 1.79
CA LEU A 186 1.95 -13.85 1.51
C LEU A 186 1.03 -14.93 0.97
N ALA A 187 1.55 -16.11 0.66
CA ALA A 187 0.70 -17.25 0.37
C ALA A 187 -0.34 -17.45 1.47
N ARG A 188 -1.59 -17.67 1.05
CA ARG A 188 -2.67 -18.06 1.97
C ARG A 188 -2.46 -19.48 2.50
N TYR A 189 -1.58 -20.26 1.86
CA TYR A 189 -1.26 -21.64 2.21
C TYR A 189 -0.01 -21.79 3.08
N ALA A 190 0.76 -20.73 3.29
CA ALA A 190 2.04 -20.85 3.97
C ALA A 190 1.87 -21.09 5.46
N THR A 191 2.79 -21.86 6.04
CA THR A 191 2.88 -22.03 7.47
C THR A 191 3.30 -20.69 8.10
N GLY A 192 3.43 -20.70 9.44
CA GLY A 192 4.14 -19.63 10.12
C GLY A 192 5.63 -19.87 10.03
N ALA A 193 6.03 -21.13 10.28
CA ALA A 193 7.41 -21.55 10.07
C ALA A 193 7.87 -21.21 8.66
N ASP A 194 7.08 -21.57 7.65
CA ASP A 194 7.36 -21.17 6.27
C ASP A 194 7.62 -19.66 6.16
N THR A 195 6.78 -18.86 6.80
CA THR A 195 6.92 -17.42 6.74
C THR A 195 8.14 -16.94 7.50
N VAL A 196 8.54 -17.67 8.53
CA VAL A 196 9.74 -17.34 9.30
C VAL A 196 10.99 -17.58 8.47
N LYS A 197 11.19 -18.81 8.03
CA LYS A 197 12.36 -19.17 7.25
C LYS A 197 12.27 -18.71 5.79
N GLY A 198 11.28 -17.88 5.55
CA GLY A 198 11.23 -17.10 4.33
C GLY A 198 11.83 -15.75 4.60
N ALA A 199 11.53 -15.18 5.77
CA ALA A 199 12.05 -13.87 6.15
C ALA A 199 13.50 -13.95 6.63
N MET A 200 13.83 -15.01 7.38
CA MET A 200 15.19 -15.19 7.87
C MET A 200 16.19 -15.07 6.72
N SER A 201 15.97 -15.83 5.63
CA SER A 201 16.89 -15.78 4.50
C SER A 201 16.76 -14.49 3.68
N LEU A 202 15.67 -13.75 3.85
CA LEU A 202 15.56 -12.44 3.19
C LEU A 202 16.43 -11.41 3.89
N HIS A 203 16.39 -11.38 5.22
CA HIS A 203 17.34 -10.56 5.96
C HIS A 203 18.78 -11.00 5.70
N LYS A 204 19.04 -12.31 5.76
CA LYS A 204 20.38 -12.82 5.48
C LYS A 204 20.86 -12.38 4.10
N TYR A 205 19.98 -12.43 3.09
CA TYR A 205 20.43 -12.08 1.73
C TYR A 205 20.63 -10.59 1.58
N LEU A 206 19.76 -9.78 2.17
CA LEU A 206 19.91 -8.34 2.02
C LEU A 206 21.21 -7.85 2.66
N ALA A 207 21.62 -8.46 3.77
CA ALA A 207 22.92 -8.13 4.37
C ALA A 207 24.05 -8.41 3.39
N GLU A 208 24.06 -9.62 2.81
CA GLU A 208 24.97 -9.93 1.72
C GLU A 208 25.00 -8.83 0.66
N LEU A 209 23.83 -8.54 0.07
CA LEU A 209 23.78 -7.55 -1.00
C LEU A 209 24.19 -6.17 -0.50
N VAL A 210 23.87 -5.83 0.75
CA VAL A 210 24.34 -4.55 1.28
C VAL A 210 25.86 -4.50 1.19
N GLU A 211 26.53 -5.45 1.85
CA GLU A 211 27.98 -5.51 1.78
C GLU A 211 28.46 -5.49 0.35
N ALA A 212 27.86 -6.31 -0.50
CA ALA A 212 28.16 -6.28 -1.94
C ALA A 212 28.04 -4.88 -2.53
N LYS A 213 27.03 -4.10 -2.11
CA LYS A 213 26.92 -2.79 -2.73
C LYS A 213 27.83 -1.77 -2.06
N MET A 214 28.22 -1.99 -0.80
CA MET A 214 29.37 -1.31 -0.22
C MET A 214 30.61 -1.47 -1.06
N ALA A 215 30.85 -2.70 -1.54
CA ALA A 215 31.94 -2.97 -2.45
C ALA A 215 31.69 -2.28 -3.77
N ASN A 216 30.70 -2.79 -4.50
CA ASN A 216 30.37 -2.31 -5.84
C ASN A 216 29.05 -1.58 -5.83
N PRO A 217 29.03 -0.25 -5.68
CA PRO A 217 27.79 0.50 -5.73
C PRO A 217 27.37 0.79 -7.17
N ALA A 218 26.15 0.38 -7.50
CA ALA A 218 25.47 0.79 -8.72
C ALA A 218 24.50 1.93 -8.37
N GLU A 219 23.58 2.24 -9.29
CA GLU A 219 22.67 3.35 -9.10
C GLU A 219 21.40 2.98 -8.35
N ASP A 220 21.35 1.82 -7.73
CA ASP A 220 20.12 1.32 -7.15
C ASP A 220 19.99 1.72 -5.67
N ALA A 221 18.98 1.16 -5.02
CA ALA A 221 18.57 1.65 -3.72
C ALA A 221 19.52 1.17 -2.65
N VAL A 222 19.88 -0.11 -2.69
CA VAL A 222 20.71 -0.67 -1.63
C VAL A 222 22.10 -0.04 -1.64
N SER A 223 22.62 0.31 -2.81
CA SER A 223 23.84 1.13 -2.87
C SER A 223 23.72 2.40 -2.05
N ASP A 224 22.53 2.99 -2.04
CA ASP A 224 22.32 4.18 -1.24
C ASP A 224 22.37 3.84 0.23
N LEU A 225 21.63 2.81 0.65
CA LEU A 225 21.82 2.31 2.01
C LEU A 225 23.28 1.95 2.26
N ALA A 226 23.91 1.30 1.28
CA ALA A 226 25.30 0.90 1.46
C ALA A 226 26.20 2.11 1.64
N GLU A 227 25.89 3.20 0.93
CA GLU A 227 26.66 4.42 1.08
C GLU A 227 26.55 4.95 2.50
N ARG A 228 25.41 4.69 3.16
CA ARG A 228 25.17 5.16 4.53
C ARG A 228 25.88 4.32 5.58
N VAL A 229 26.02 3.01 5.37
CA VAL A 229 26.84 2.20 6.27
C VAL A 229 28.27 2.74 6.27
N LYS A 230 28.80 3.09 5.10
CA LYS A 230 30.13 3.67 4.90
C LYS A 230 30.32 5.01 5.57
N ALA A 231 29.27 5.60 6.19
CA ALA A 231 29.38 6.90 6.85
C ALA A 231 28.95 6.84 8.33
N GLY A 232 29.03 5.66 8.94
CA GLY A 232 28.75 5.52 10.36
C GLY A 232 27.30 5.65 10.72
N GLU A 233 26.41 5.68 9.73
CA GLU A 233 25.03 6.05 9.98
C GLU A 233 24.15 4.85 10.32
N LEU A 234 24.36 3.72 9.65
CA LEU A 234 23.57 2.56 10.03
C LEU A 234 24.37 1.30 9.75
N SER A 235 24.19 0.32 10.62
CA SER A 235 24.90 -0.94 10.47
C SER A 235 24.35 -1.68 9.27
N VAL A 236 25.06 -2.74 8.87
CA VAL A 236 24.53 -3.65 7.86
C VAL A 236 23.17 -4.18 8.30
N LYS A 237 23.03 -4.50 9.61
CA LYS A 237 21.76 -5.03 10.11
C LYS A 237 20.64 -4.04 9.87
N GLU A 238 20.83 -2.79 10.33
CA GLU A 238 19.85 -1.73 10.12
C GLU A 238 19.54 -1.55 8.64
N ALA A 239 20.56 -1.61 7.78
CA ALA A 239 20.34 -1.52 6.35
C ALA A 239 19.64 -2.77 5.81
N ALA A 240 20.05 -3.96 6.27
CA ALA A 240 19.32 -5.16 5.85
C ALA A 240 17.88 -5.11 6.35
N GLN A 241 17.69 -4.74 7.62
CA GLN A 241 16.35 -4.51 8.12
C GLN A 241 15.58 -3.58 7.18
N LEU A 242 16.19 -2.45 6.83
CA LEU A 242 15.47 -1.46 6.02
C LEU A 242 15.14 -2.02 4.65
N GLY A 243 16.12 -2.61 3.98
CA GLY A 243 15.80 -3.27 2.72
C GLY A 243 14.65 -4.25 2.86
N THR A 244 14.75 -5.16 3.84
CA THR A 244 13.63 -6.02 4.19
C THR A 244 12.38 -5.18 4.39
N GLY A 245 12.52 -4.08 5.13
CA GLY A 245 11.39 -3.23 5.41
C GLY A 245 10.72 -2.74 4.14
N LEU A 246 11.50 -2.31 3.16
CA LEU A 246 10.94 -1.85 1.90
C LEU A 246 10.16 -2.96 1.19
N LEU A 247 10.75 -4.15 1.08
CA LEU A 247 10.00 -5.22 0.41
C LEU A 247 8.63 -5.42 1.06
N ILE A 248 8.62 -5.65 2.38
CA ILE A 248 7.35 -5.88 3.06
C ILE A 248 6.38 -4.75 2.77
N ALA A 249 6.78 -3.51 3.08
CA ALA A 249 5.86 -2.38 3.00
C ALA A 249 5.20 -2.30 1.64
N GLY A 250 5.97 -2.46 0.57
CA GLY A 250 5.45 -2.20 -0.75
C GLY A 250 5.06 -3.39 -1.58
N HIS A 251 4.78 -4.51 -0.92
CA HIS A 251 4.46 -5.74 -1.63
C HIS A 251 2.99 -6.04 -1.47
N GLU A 252 2.59 -6.61 -0.33
CA GLU A 252 1.19 -6.97 -0.16
C GLU A 252 0.28 -5.75 -0.34
N THR A 253 0.76 -4.55 0.01
CA THR A 253 -0.01 -3.35 -0.26
C THR A 253 -0.32 -3.21 -1.74
N THR A 254 0.71 -3.05 -2.57
CA THR A 254 0.51 -2.88 -4.00
C THR A 254 -0.19 -4.09 -4.61
N ALA A 255 0.28 -5.29 -4.25
CA ALA A 255 -0.40 -6.50 -4.64
C ALA A 255 -1.89 -6.35 -4.43
N ASN A 256 -2.27 -5.93 -3.21
CA ASN A 256 -3.69 -5.78 -2.88
C ASN A 256 -4.35 -4.67 -3.72
N MET A 257 -3.62 -3.60 -4.04
CA MET A 257 -4.20 -2.57 -4.89
C MET A 257 -4.44 -3.07 -6.31
N ILE A 258 -3.47 -3.80 -6.87
CA ILE A 258 -3.61 -4.47 -8.16
C ILE A 258 -4.88 -5.30 -8.19
N GLY A 259 -4.95 -6.27 -7.29
CA GLY A 259 -6.01 -7.26 -7.25
C GLY A 259 -7.37 -6.66 -7.02
N LEU A 260 -7.56 -6.05 -5.84
CA LEU A 260 -8.83 -5.37 -5.57
C LEU A 260 -9.13 -4.34 -6.65
N GLY A 261 -8.17 -3.49 -6.97
CA GLY A 261 -8.34 -2.54 -8.06
C GLY A 261 -8.88 -3.16 -9.33
N VAL A 262 -8.23 -4.22 -9.82
CA VAL A 262 -8.72 -4.87 -11.04
C VAL A 262 -10.15 -5.37 -10.85
N LEU A 263 -10.41 -6.06 -9.75
CA LEU A 263 -11.78 -6.50 -9.48
C LEU A 263 -12.75 -5.33 -9.59
N ALA A 264 -12.46 -4.26 -8.81
CA ALA A 264 -13.33 -3.09 -8.79
C ALA A 264 -13.56 -2.56 -10.19
N LEU A 265 -12.49 -2.52 -10.99
CA LEU A 265 -12.67 -2.12 -12.37
C LEU A 265 -13.64 -3.04 -13.11
N LEU A 266 -13.62 -4.35 -12.83
CA LEU A 266 -14.36 -5.26 -13.71
C LEU A 266 -15.85 -5.22 -13.45
N VAL A 267 -16.25 -5.11 -12.18
CA VAL A 267 -17.65 -4.88 -11.86
C VAL A 267 -18.08 -3.44 -12.15
N ASN A 268 -17.16 -2.55 -12.54
CA ASN A 268 -17.51 -1.18 -12.94
C ASN A 268 -17.06 -0.91 -14.37
N PRO A 269 -17.59 -1.66 -15.33
CA PRO A 269 -17.11 -1.56 -16.71
C PRO A 269 -17.11 -0.16 -17.26
N ASP A 270 -18.10 0.68 -16.90
CA ASP A 270 -18.10 2.08 -17.31
C ASP A 270 -16.74 2.72 -17.05
N GLN A 271 -16.13 2.39 -15.93
CA GLN A 271 -14.88 2.99 -15.53
C GLN A 271 -13.69 2.29 -16.18
N ALA A 272 -13.75 0.96 -16.22
CA ALA A 272 -12.76 0.19 -16.95
C ALA A 272 -12.57 0.74 -18.36
N GLY A 273 -13.67 1.07 -19.04
CA GLY A 273 -13.54 1.65 -20.35
C GLY A 273 -12.74 2.94 -20.31
N ILE A 274 -13.14 3.84 -19.40
CA ILE A 274 -12.45 5.12 -19.29
C ILE A 274 -10.95 4.91 -19.11
N LEU A 275 -10.57 4.09 -18.13
CA LEU A 275 -9.16 3.86 -17.89
C LEU A 275 -8.48 3.26 -19.10
N ARG A 276 -9.20 2.39 -19.85
CA ARG A 276 -8.59 1.73 -20.98
C ARG A 276 -8.42 2.67 -22.15
N ASP A 277 -9.41 3.49 -22.45
CA ASP A 277 -9.28 4.33 -23.62
C ASP A 277 -8.59 5.66 -23.34
N ALA A 278 -8.32 5.96 -22.08
CA ALA A 278 -7.80 7.28 -21.72
C ALA A 278 -6.53 7.57 -22.49
N GLN A 279 -6.38 8.81 -22.93
CA GLN A 279 -5.27 9.17 -23.80
C GLN A 279 -4.30 10.15 -23.18
N ASP A 280 -4.57 10.66 -22.00
CA ASP A 280 -3.73 11.57 -21.25
C ASP A 280 -3.06 10.81 -20.12
N PRO A 281 -1.75 10.94 -19.92
CA PRO A 281 -1.17 10.42 -18.68
C PRO A 281 -1.73 11.13 -17.46
N LYS A 282 -2.06 12.43 -17.60
CA LYS A 282 -2.72 13.14 -16.52
C LYS A 282 -4.02 12.44 -16.12
N ILE A 283 -4.79 11.98 -17.08
CA ILE A 283 -6.10 11.44 -16.70
C ILE A 283 -5.97 10.06 -16.07
N VAL A 284 -5.06 9.21 -16.60
CA VAL A 284 -4.85 7.88 -16.02
C VAL A 284 -4.27 7.97 -14.61
N ALA A 285 -3.42 8.98 -14.37
CA ALA A 285 -2.91 9.18 -13.02
C ALA A 285 -4.03 9.50 -12.04
N ASN A 286 -4.96 10.37 -12.45
CA ASN A 286 -6.08 10.67 -11.59
C ASN A 286 -6.94 9.45 -11.36
N ALA A 287 -7.04 8.57 -12.35
CA ALA A 287 -7.86 7.38 -12.17
C ALA A 287 -7.23 6.41 -11.19
N VAL A 288 -5.89 6.39 -11.10
CA VAL A 288 -5.25 5.67 -10.00
C VAL A 288 -5.59 6.33 -8.66
N GLU A 289 -5.42 7.64 -8.56
CA GLU A 289 -5.81 8.33 -7.35
C GLU A 289 -7.26 8.02 -6.99
N GLU A 290 -8.16 7.93 -7.97
CA GLU A 290 -9.53 7.62 -7.57
C GLU A 290 -9.68 6.17 -7.19
N LEU A 291 -8.77 5.30 -7.63
CA LEU A 291 -8.83 3.92 -7.16
C LEU A 291 -8.25 3.77 -5.78
N LEU A 292 -7.17 4.48 -5.47
CA LEU A 292 -6.64 4.40 -4.12
C LEU A 292 -7.65 4.87 -3.10
N ARG A 293 -8.35 5.99 -3.42
CA ARG A 293 -9.35 6.54 -2.51
C ARG A 293 -10.49 5.57 -2.31
N TYR A 294 -11.07 5.07 -3.40
CA TYR A 294 -12.19 4.15 -3.31
C TYR A 294 -11.87 2.93 -2.45
N LEU A 295 -10.83 2.18 -2.84
CA LEU A 295 -10.54 0.92 -2.20
C LEU A 295 -10.02 1.10 -0.78
N SER A 296 -9.14 2.07 -0.58
CA SER A 296 -8.65 2.44 0.74
C SER A 296 -8.31 1.20 1.56
N ILE A 297 -7.28 0.50 1.06
CA ILE A 297 -6.94 -0.83 1.55
C ILE A 297 -6.30 -0.75 2.91
N ILE A 298 -5.38 0.19 3.12
CA ILE A 298 -4.86 0.47 4.45
C ILE A 298 -5.96 1.18 5.23
N GLN A 299 -6.72 0.44 6.02
CA GLN A 299 -7.82 1.14 6.67
C GLN A 299 -7.31 1.99 7.82
N ASN A 300 -6.30 1.51 8.52
CA ASN A 300 -5.91 2.15 9.76
C ASN A 300 -4.83 3.21 9.60
N GLY A 301 -3.58 2.83 9.88
CA GLY A 301 -2.54 3.82 10.04
C GLY A 301 -1.92 3.62 11.41
N GLN A 302 -0.59 3.67 11.49
CA GLN A 302 0.10 3.36 12.74
C GLN A 302 -0.49 4.08 13.95
N ARG A 303 -0.31 3.47 15.12
CA ARG A 303 -1.03 3.85 16.33
C ARG A 303 -0.22 4.95 17.02
N ARG A 304 -0.70 6.17 16.89
CA ARG A 304 -0.02 7.35 17.40
C ARG A 304 -0.48 7.66 18.83
N VAL A 305 0.11 8.73 19.40
CA VAL A 305 -0.14 9.18 20.77
C VAL A 305 0.09 10.69 20.80
N ALA A 306 -0.60 11.39 21.72
CA ALA A 306 -0.49 12.84 21.83
C ALA A 306 0.42 13.24 22.99
N HIS A 307 1.28 14.24 22.75
CA HIS A 307 2.23 14.73 23.75
C HIS A 307 1.66 15.85 24.59
N GLU A 308 0.96 16.79 23.98
CA GLU A 308 0.21 17.80 24.70
C GLU A 308 -1.28 17.54 24.54
N ASP A 309 -2.09 18.22 25.35
CA ASP A 309 -3.54 18.17 25.21
C ASP A 309 -3.97 18.84 23.91
N ILE A 310 -5.02 18.29 23.28
CA ILE A 310 -5.38 18.62 21.90
C ILE A 310 -6.89 18.70 21.78
N HIS A 311 -7.39 19.83 21.32
CA HIS A 311 -8.82 20.09 21.26
C HIS A 311 -9.20 20.25 19.81
N ILE A 312 -9.93 19.27 19.26
CA ILE A 312 -10.65 19.41 17.99
C ILE A 312 -11.77 18.37 17.96
N GLY A 313 -12.66 18.53 16.99
CA GLY A 313 -13.83 17.68 16.88
C GLY A 313 -14.75 17.83 18.06
N GLY A 314 -14.51 18.85 18.88
CA GLY A 314 -15.33 19.12 20.02
C GLY A 314 -15.02 18.30 21.25
N GLU A 315 -13.97 17.50 21.21
CA GLU A 315 -13.49 16.77 22.38
C GLU A 315 -12.01 17.08 22.54
N THR A 316 -11.45 16.63 23.66
CA THR A 316 -10.09 16.94 24.02
C THR A 316 -9.30 15.64 24.08
N ILE A 317 -8.26 15.54 23.26
CA ILE A 317 -7.35 14.40 23.37
C ILE A 317 -6.35 14.70 24.47
N ARG A 318 -6.70 14.35 25.70
CA ARG A 318 -5.78 14.50 26.82
C ARG A 318 -4.45 13.83 26.46
N ALA A 319 -3.34 14.55 26.67
CA ALA A 319 -2.00 14.04 26.37
C ALA A 319 -1.79 12.65 26.95
N GLY A 320 -0.91 11.85 26.37
CA GLY A 320 -0.82 10.43 26.72
C GLY A 320 -1.76 9.49 25.97
N GLU A 321 -3.03 9.86 25.77
CA GLU A 321 -4.00 8.95 25.17
C GLU A 321 -3.65 8.65 23.72
N GLY A 322 -4.12 7.49 23.25
CA GLY A 322 -3.73 7.00 21.93
C GLY A 322 -4.62 7.53 20.81
N ILE A 323 -4.05 7.58 19.60
CA ILE A 323 -4.72 8.15 18.45
C ILE A 323 -4.64 7.15 17.30
N ILE A 324 -5.77 6.88 16.66
CA ILE A 324 -5.83 6.02 15.49
C ILE A 324 -6.45 6.83 14.35
N ILE A 325 -5.61 7.26 13.42
CA ILE A 325 -6.01 8.17 12.35
C ILE A 325 -6.52 7.32 11.20
N ASP A 326 -7.86 7.16 11.11
CA ASP A 326 -8.51 6.16 10.27
C ASP A 326 -8.76 6.67 8.85
N LEU A 327 -8.11 6.05 7.86
CA LEU A 327 -8.02 6.58 6.49
C LEU A 327 -9.21 6.24 5.59
N ALA A 328 -9.84 5.10 5.78
CA ALA A 328 -10.96 4.77 4.89
C ALA A 328 -12.06 5.80 5.03
N PRO A 329 -12.65 6.01 6.21
CA PRO A 329 -13.74 6.99 6.31
C PRO A 329 -13.33 8.39 5.92
N ALA A 330 -12.09 8.79 6.17
CA ALA A 330 -11.65 10.06 5.62
C ALA A 330 -11.75 10.05 4.10
N ASN A 331 -11.26 8.98 3.45
CA ASN A 331 -11.32 8.91 2.01
C ASN A 331 -12.75 8.83 1.51
N TRP A 332 -13.68 8.46 2.38
CA TRP A 332 -15.08 8.36 2.04
C TRP A 332 -15.91 9.47 2.71
N ASP A 333 -15.27 10.59 3.03
CA ASP A 333 -15.96 11.72 3.65
C ASP A 333 -16.67 12.54 2.58
N ALA A 334 -18.00 12.54 2.63
CA ALA A 334 -18.76 13.28 1.64
C ALA A 334 -18.51 14.78 1.68
N HIS A 335 -17.87 15.33 2.73
CA HIS A 335 -17.51 16.75 2.72
C HIS A 335 -16.52 17.04 1.60
N ALA A 336 -15.55 16.15 1.40
CA ALA A 336 -14.49 16.40 0.45
C ALA A 336 -14.60 15.55 -0.80
N PHE A 337 -15.38 14.48 -0.77
CA PHE A 337 -15.53 13.58 -1.91
C PHE A 337 -17.02 13.32 -2.10
N THR A 338 -17.62 14.07 -3.04
CA THR A 338 -19.06 14.31 -3.07
C THR A 338 -19.88 13.03 -3.02
N GLU A 339 -19.53 12.02 -3.81
CA GLU A 339 -20.33 10.79 -3.83
C GLU A 339 -19.43 9.62 -3.46
N PRO A 340 -19.11 9.46 -2.17
CA PRO A 340 -18.00 8.57 -1.79
C PRO A 340 -18.19 7.12 -2.18
N ASP A 341 -19.43 6.62 -2.19
CA ASP A 341 -19.70 5.25 -2.64
C ASP A 341 -19.42 5.06 -4.13
N ARG A 342 -19.16 6.12 -4.87
CA ARG A 342 -19.06 6.06 -6.32
C ARG A 342 -17.61 5.95 -6.75
N LEU A 343 -17.36 5.16 -7.80
CA LEU A 343 -16.02 5.02 -8.34
C LEU A 343 -15.97 5.86 -9.62
N TYR A 344 -15.54 7.11 -9.49
CA TYR A 344 -15.54 8.04 -10.62
C TYR A 344 -14.09 8.40 -10.95
N LEU A 345 -13.53 7.76 -11.98
CA LEU A 345 -12.12 8.00 -12.28
C LEU A 345 -11.87 9.38 -12.86
N HIS A 346 -12.91 10.11 -13.22
CA HIS A 346 -12.73 11.52 -13.53
C HIS A 346 -12.95 12.41 -12.32
N ARG A 347 -13.26 11.84 -11.13
CA ARG A 347 -13.43 12.58 -9.88
C ARG A 347 -12.44 13.74 -9.79
N ALA A 348 -12.96 14.92 -9.49
CA ALA A 348 -12.15 16.12 -9.68
C ALA A 348 -10.93 16.10 -8.76
N GLY A 349 -11.15 16.21 -7.46
CA GLY A 349 -9.98 16.25 -6.60
C GLY A 349 -9.57 14.91 -6.05
N ALA A 350 -8.98 14.04 -6.87
CA ALA A 350 -8.81 12.67 -6.40
C ALA A 350 -7.52 12.50 -5.58
N GLU A 351 -6.43 13.18 -5.97
CA GLU A 351 -5.19 13.20 -5.20
C GLU A 351 -5.34 13.98 -3.90
N ARG A 352 -6.57 14.37 -3.56
CA ARG A 352 -6.89 14.87 -2.24
C ARG A 352 -6.88 13.77 -1.18
N ASN A 353 -6.79 12.50 -1.56
CA ASN A 353 -7.02 11.44 -0.59
C ASN A 353 -5.84 11.34 0.35
N VAL A 354 -5.91 10.36 1.26
CA VAL A 354 -4.83 10.10 2.20
C VAL A 354 -4.60 8.59 2.23
N ALA A 355 -4.80 7.94 1.09
CA ALA A 355 -4.56 6.50 0.96
C ALA A 355 -3.11 6.16 1.22
N PHE A 356 -2.20 7.15 1.15
CA PHE A 356 -0.79 6.99 1.44
C PHE A 356 -0.41 7.64 2.75
N GLY A 357 -1.39 8.08 3.52
CA GLY A 357 -1.15 8.86 4.72
C GLY A 357 -0.98 10.33 4.41
N TYR A 358 -0.64 11.07 5.46
CA TYR A 358 -0.43 12.51 5.36
C TYR A 358 0.66 12.95 6.32
N GLY A 359 1.29 14.09 6.01
CA GLY A 359 2.25 14.63 6.97
C GLY A 359 3.53 13.82 7.01
N ARG A 360 4.35 14.05 8.04
CA ARG A 360 5.50 13.18 8.27
C ARG A 360 4.99 11.75 8.37
N HIS A 361 5.77 10.81 7.86
CA HIS A 361 5.43 9.38 7.81
C HIS A 361 4.50 9.01 6.67
N GLN A 362 4.26 9.88 5.69
CA GLN A 362 3.53 9.44 4.51
C GLN A 362 4.26 8.26 3.89
N CYS A 363 3.52 7.45 3.11
CA CYS A 363 4.15 6.33 2.43
C CYS A 363 5.35 6.82 1.62
N VAL A 364 6.49 6.18 1.86
CA VAL A 364 7.68 6.46 1.06
C VAL A 364 7.52 5.90 -0.36
N GLY A 365 6.77 4.79 -0.50
CA GLY A 365 6.62 4.17 -1.80
C GLY A 365 5.85 5.01 -2.80
N GLN A 366 4.99 5.91 -2.31
CA GLN A 366 4.17 6.83 -3.09
C GLN A 366 4.37 6.80 -4.59
N GLN A 367 5.35 7.55 -5.09
CA GLN A 367 5.51 7.70 -6.54
C GLN A 367 5.74 6.36 -7.23
N LEU A 368 6.49 5.46 -6.59
CA LEU A 368 6.74 4.14 -7.17
C LEU A 368 5.46 3.34 -7.27
N ALA A 369 4.70 3.24 -6.16
CA ALA A 369 3.44 2.51 -6.22
C ALA A 369 2.51 3.13 -7.25
N ARG A 370 2.48 4.45 -7.34
CA ARG A 370 1.65 5.10 -8.36
C ARG A 370 2.03 4.63 -9.76
N ALA A 371 3.32 4.63 -10.06
CA ALA A 371 3.76 4.12 -11.35
C ALA A 371 3.26 2.70 -11.55
N GLU A 372 3.46 1.85 -10.53
CA GLU A 372 3.04 0.45 -10.64
C GLU A 372 1.59 0.36 -11.10
N LEU A 373 0.69 0.93 -10.31
CA LEU A 373 -0.73 0.85 -10.64
C LEU A 373 -1.02 1.45 -12.00
N GLN A 374 -0.37 2.56 -12.35
CA GLN A 374 -0.54 3.12 -13.68
C GLN A 374 -0.21 2.07 -14.74
N ILE A 375 1.06 1.65 -14.79
CA ILE A 375 1.56 0.61 -15.70
C ILE A 375 0.57 -0.55 -15.73
N VAL A 376 0.44 -1.27 -14.61
CA VAL A 376 -0.30 -2.52 -14.56
C VAL A 376 -1.75 -2.34 -14.96
N TYR A 377 -2.40 -1.28 -14.47
CA TYR A 377 -3.82 -1.09 -14.76
C TYR A 377 -4.03 -0.83 -16.24
N ARG A 378 -3.44 0.26 -16.76
CA ARG A 378 -3.57 0.56 -18.17
C ARG A 378 -3.14 -0.62 -19.04
N THR A 379 -2.04 -1.30 -18.69
CA THR A 379 -1.52 -2.31 -19.61
C THR A 379 -2.41 -3.55 -19.63
N LEU A 380 -2.84 -4.03 -18.46
CA LEU A 380 -3.77 -5.16 -18.43
C LEU A 380 -5.05 -4.83 -19.20
N LEU A 381 -5.63 -3.66 -18.93
CA LEU A 381 -6.94 -3.31 -19.47
C LEU A 381 -6.92 -3.12 -20.98
N GLN A 382 -5.77 -2.80 -21.57
CA GLN A 382 -5.71 -2.66 -23.02
C GLN A 382 -5.27 -3.92 -23.75
N ARG A 383 -4.42 -4.74 -23.13
CA ARG A 383 -4.07 -6.00 -23.75
C ARG A 383 -5.14 -7.05 -23.56
N ILE A 384 -5.97 -6.93 -22.53
CA ILE A 384 -6.94 -8.01 -22.30
C ILE A 384 -8.35 -7.43 -22.25
N PRO A 385 -8.80 -6.67 -23.26
CA PRO A 385 -10.09 -6.01 -23.14
C PRO A 385 -11.25 -6.94 -22.87
N THR A 386 -11.11 -8.22 -23.17
CA THR A 386 -12.15 -9.20 -22.91
C THR A 386 -12.03 -9.80 -21.51
N LEU A 387 -11.08 -9.33 -20.71
CA LEU A 387 -10.91 -9.83 -19.36
C LEU A 387 -12.25 -9.79 -18.65
N THR A 388 -12.63 -10.93 -18.07
CA THR A 388 -13.93 -11.10 -17.46
C THR A 388 -13.76 -11.75 -16.09
N LEU A 389 -14.55 -11.32 -15.12
CA LEU A 389 -14.52 -11.96 -13.81
C LEU A 389 -15.05 -13.38 -13.93
N ALA A 390 -14.30 -14.35 -13.42
CA ALA A 390 -14.64 -15.73 -13.68
C ALA A 390 -15.67 -16.30 -12.73
N THR A 391 -15.92 -15.68 -11.60
CA THR A 391 -16.99 -16.15 -10.74
C THR A 391 -17.93 -15.02 -10.40
N ALA A 392 -19.09 -15.39 -9.84
CA ALA A 392 -19.90 -14.40 -9.15
C ALA A 392 -19.02 -13.66 -8.17
N LEU A 393 -19.24 -12.34 -8.04
CA LEU A 393 -18.44 -11.54 -7.11
C LEU A 393 -18.52 -12.11 -5.71
N GLU A 394 -19.74 -12.34 -5.22
CA GLU A 394 -19.93 -12.92 -3.90
C GLU A 394 -19.12 -14.20 -3.68
N ASP A 395 -18.67 -14.87 -4.74
CA ASP A 395 -17.80 -16.00 -4.54
C ASP A 395 -16.39 -15.57 -4.15
N VAL A 396 -16.00 -14.34 -4.47
CA VAL A 396 -14.58 -13.93 -4.44
C VAL A 396 -14.07 -13.91 -3.01
N PRO A 397 -12.85 -14.39 -2.73
CA PRO A 397 -12.35 -14.37 -1.34
C PRO A 397 -11.61 -13.08 -1.02
N PHE A 398 -12.16 -12.27 -0.11
CA PHE A 398 -11.51 -11.02 0.29
C PHE A 398 -10.65 -11.27 1.53
N LYS A 399 -9.74 -10.30 1.78
CA LYS A 399 -8.69 -10.43 2.80
C LYS A 399 -9.08 -9.69 4.08
N ASP A 400 -10.23 -10.04 4.68
CA ASP A 400 -10.76 -9.34 5.86
C ASP A 400 -9.71 -9.20 6.97
N ASP A 401 -9.14 -10.34 7.39
CA ASP A 401 -8.29 -10.37 8.58
C ASP A 401 -7.01 -9.57 8.38
N ARG A 402 -6.37 -9.69 7.22
CA ARG A 402 -5.15 -8.93 6.96
C ARG A 402 -5.47 -7.45 7.11
N LEU A 403 -4.61 -6.72 7.83
CA LEU A 403 -4.80 -5.28 8.02
C LEU A 403 -5.02 -4.58 6.69
N ALA A 404 -4.11 -4.83 5.74
CA ALA A 404 -4.30 -4.38 4.37
C ALA A 404 -5.38 -5.21 3.71
N TYR A 405 -6.44 -4.55 3.23
CA TYR A 405 -7.54 -5.22 2.56
C TYR A 405 -7.14 -5.72 1.18
N GLY A 406 -7.47 -6.98 0.88
CA GLY A 406 -7.32 -7.47 -0.48
C GLY A 406 -8.31 -8.53 -0.89
N VAL A 407 -8.00 -9.20 -2.00
CA VAL A 407 -8.62 -10.45 -2.42
C VAL A 407 -7.54 -11.53 -2.40
N TYR A 408 -7.92 -12.76 -1.99
CA TYR A 408 -6.94 -13.85 -1.92
C TYR A 408 -6.69 -14.49 -3.29
N GLU A 409 -7.68 -14.48 -4.19
CA GLU A 409 -7.41 -14.90 -5.56
C GLU A 409 -8.53 -14.36 -6.42
N LEU A 410 -8.20 -14.07 -7.68
CA LEU A 410 -9.13 -13.39 -8.56
C LEU A 410 -9.15 -14.14 -9.89
N PRO A 411 -10.10 -15.05 -10.06
CA PRO A 411 -10.17 -15.83 -11.31
C PRO A 411 -10.66 -14.97 -12.45
N VAL A 412 -9.92 -14.99 -13.56
CA VAL A 412 -10.39 -14.29 -14.75
C VAL A 412 -10.51 -15.27 -15.89
N THR A 413 -11.35 -14.89 -16.82
CA THR A 413 -11.38 -15.45 -18.16
C THR A 413 -11.16 -14.32 -19.15
N TRP A 414 -10.79 -14.67 -20.37
CA TRP A 414 -10.67 -13.65 -21.40
C TRP A 414 -10.98 -14.19 -22.79
#